data_7SYC
#
_entry.id   7SYC
#
_cell.length_a   67.140
_cell.length_b   67.140
_cell.length_c   136.000
_cell.angle_alpha   90.000
_cell.angle_beta   90.000
_cell.angle_gamma   120.000
#
_symmetry.space_group_name_H-M   'P 61 2 2'
#
loop_
_entity.id
_entity.type
_entity.pdbx_description
1 polymer 7,8-dihydro-8-oxoguanine-triphosphatase
2 non-polymer 'MAGNESIUM ION'
3 water water
#
_entity_poly.entity_id   1
_entity_poly.type   'polypeptide(L)'
_entity_poly.pdbx_seq_one_letter_code
;MAHHHHHHMKKLQIAVGIIRNPQGEIFITQRAADAHMANKLEFPGGKIESDETPEQALIRELQEEVGITVTTSSLFDKLE
YQFPDRHITLWFFLVESWQGEPWGKEGQPGRWMAGPTLDPAAFPPANEPVISKLIAQGVSK
;
_entity_poly.pdbx_strand_id   A
#
loop_
_chem_comp.id
_chem_comp.type
_chem_comp.name
_chem_comp.formula
MG non-polymer 'MAGNESIUM ION' 'Mg 2'
#
# COMPACT_ATOMS: atom_id res chain seq x y z
N HIS A 7 16.01 -16.79 -17.76
CA HIS A 7 15.32 -16.19 -18.90
C HIS A 7 13.84 -16.03 -18.64
N HIS A 8 13.21 -17.06 -18.06
CA HIS A 8 11.77 -17.02 -17.82
C HIS A 8 11.39 -15.76 -17.05
N MET A 9 10.51 -14.97 -17.64
CA MET A 9 10.14 -13.69 -17.05
C MET A 9 9.19 -13.91 -15.87
N LYS A 10 9.60 -13.45 -14.68
CA LYS A 10 8.76 -13.57 -13.50
C LYS A 10 7.61 -12.57 -13.56
N LYS A 11 6.47 -12.95 -12.99
CA LYS A 11 5.31 -12.08 -12.89
C LYS A 11 4.94 -11.98 -11.42
N LEU A 12 4.81 -10.76 -10.92
CA LEU A 12 4.52 -10.51 -9.52
C LEU A 12 3.41 -9.48 -9.43
N GLN A 13 2.45 -9.69 -8.54
CA GLN A 13 1.42 -8.70 -8.29
C GLN A 13 1.34 -8.42 -6.79
N ILE A 14 1.21 -7.14 -6.44
CA ILE A 14 1.25 -6.69 -5.05
C ILE A 14 0.05 -5.78 -4.78
N ALA A 15 -0.57 -5.94 -3.61
CA ALA A 15 -1.65 -5.07 -3.18
C ALA A 15 -1.15 -4.26 -1.99
N VAL A 16 -1.34 -2.94 -2.03
CA VAL A 16 -0.83 -2.05 -1.00
C VAL A 16 -1.95 -1.11 -0.54
N GLY A 17 -1.94 -0.78 0.75
CA GLY A 17 -3.02 -0.04 1.37
C GLY A 17 -2.62 1.39 1.73
N ILE A 18 -3.44 2.33 1.27
CA ILE A 18 -3.32 3.74 1.65
C ILE A 18 -4.35 3.96 2.74
N ILE A 19 -3.90 3.89 3.98
CA ILE A 19 -4.80 3.94 5.14
C ILE A 19 -4.91 5.39 5.59
N ARG A 20 -6.05 6.02 5.33
CA ARG A 20 -6.17 7.47 5.54
C ARG A 20 -7.29 7.72 6.55
N ASN A 21 -6.98 8.44 7.62
CA ASN A 21 -8.00 8.74 8.62
C ASN A 21 -8.72 10.02 8.23
N PRO A 22 -9.80 10.37 8.92
CA PRO A 22 -10.55 11.57 8.52
C PRO A 22 -9.77 12.87 8.65
N GLN A 23 -8.66 12.88 9.37
CA GLN A 23 -7.81 14.06 9.47
C GLN A 23 -6.81 14.15 8.32
N GLY A 24 -6.91 13.26 7.33
CA GLY A 24 -6.04 13.31 6.17
C GLY A 24 -4.67 12.72 6.37
N GLU A 25 -4.44 12.05 7.49
CA GLU A 25 -3.16 11.41 7.78
C GLU A 25 -3.15 9.99 7.21
N ILE A 26 -1.96 9.55 6.78
CA ILE A 26 -1.77 8.25 6.17
C ILE A 26 -0.86 7.42 7.06
N PHE A 27 -1.23 6.18 7.32
CA PHE A 27 -0.40 5.32 8.16
C PHE A 27 0.73 4.74 7.32
N ILE A 28 1.95 5.19 7.58
CA ILE A 28 3.12 4.88 6.77
C ILE A 28 4.07 4.04 7.62
N THR A 29 4.58 2.94 7.06
CA THR A 29 5.54 2.09 7.76
C THR A 29 6.92 2.28 7.17
N GLN A 30 7.91 1.67 7.83
CA GLN A 30 9.31 1.76 7.40
C GLN A 30 10.00 0.39 7.47
N LYS A 40 13.51 4.30 4.13
CA LYS A 40 12.63 3.90 3.02
C LYS A 40 11.19 3.65 3.50
N LEU A 41 10.36 4.69 3.42
CA LEU A 41 8.97 4.56 3.83
C LEU A 41 8.17 3.73 2.83
N GLU A 42 7.12 3.07 3.32
CA GLU A 42 6.27 2.35 2.38
C GLU A 42 4.86 2.21 2.93
N PHE A 43 3.95 1.94 2.03
CA PHE A 43 2.61 1.54 2.42
C PHE A 43 2.62 0.06 2.77
N PRO A 44 1.85 -0.35 3.76
CA PRO A 44 1.73 -1.78 4.06
C PRO A 44 1.02 -2.49 2.91
N GLY A 45 1.25 -3.79 2.84
CA GLY A 45 0.73 -4.59 1.75
C GLY A 45 1.69 -5.70 1.39
N GLY A 46 1.31 -6.47 0.38
CA GLY A 46 2.15 -7.57 -0.04
C GLY A 46 1.61 -8.31 -1.25
N LYS A 47 2.22 -9.48 -1.49
CA LYS A 47 1.97 -10.26 -2.70
C LYS A 47 0.53 -10.74 -2.79
N ILE A 48 -0.04 -10.62 -3.99
CA ILE A 48 -1.35 -11.21 -4.28
C ILE A 48 -1.11 -12.65 -4.71
N GLU A 49 -1.67 -13.60 -3.99
CA GLU A 49 -1.48 -14.99 -4.37
C GLU A 49 -2.32 -15.29 -5.60
N SER A 50 -1.96 -16.39 -6.29
CA SER A 50 -2.51 -16.62 -7.62
C SER A 50 -3.99 -16.96 -7.59
N ASP A 51 -4.55 -17.32 -6.43
CA ASP A 51 -5.95 -17.73 -6.33
C ASP A 51 -6.82 -16.66 -5.68
N GLU A 52 -6.38 -15.40 -5.63
CA GLU A 52 -7.14 -14.42 -4.89
C GLU A 52 -7.18 -13.08 -5.63
N THR A 53 -8.19 -12.28 -5.30
CA THR A 53 -8.30 -10.94 -5.85
C THR A 53 -7.27 -10.02 -5.20
N PRO A 54 -6.95 -8.89 -5.83
CA PRO A 54 -6.14 -7.88 -5.16
C PRO A 54 -6.67 -7.46 -3.81
N GLU A 55 -7.98 -7.27 -3.67
CA GLU A 55 -8.49 -6.81 -2.39
C GLU A 55 -8.40 -7.91 -1.33
N GLN A 56 -8.58 -9.18 -1.71
CA GLN A 56 -8.41 -10.25 -0.72
C GLN A 56 -6.99 -10.24 -0.16
N ALA A 57 -6.01 -10.03 -1.02
CA ALA A 57 -4.63 -9.95 -0.54
C ALA A 57 -4.43 -8.73 0.34
N LEU A 58 -4.98 -7.59 -0.08
CA LEU A 58 -4.94 -6.37 0.72
C LEU A 58 -5.46 -6.61 2.12
N ILE A 59 -6.66 -7.22 2.24
CA ILE A 59 -7.25 -7.45 3.55
C ILE A 59 -6.33 -8.30 4.40
N ARG A 60 -5.85 -9.42 3.86
CA ARG A 60 -4.98 -10.29 4.63
C ARG A 60 -3.71 -9.55 5.04
N GLU A 61 -3.03 -8.94 4.05
CA GLU A 61 -1.75 -8.31 4.32
C GLU A 61 -1.88 -7.20 5.35
N LEU A 62 -2.93 -6.37 5.26
CA LEU A 62 -3.07 -5.30 6.24
C LEU A 62 -3.38 -5.84 7.63
N GLN A 63 -4.12 -6.95 7.73
CA GLN A 63 -4.31 -7.60 9.02
C GLN A 63 -2.98 -8.05 9.61
N GLU A 64 -2.16 -8.72 8.79
CA GLU A 64 -0.87 -9.21 9.25
C GLU A 64 0.08 -8.07 9.59
N GLU A 65 0.17 -7.07 8.72
CA GLU A 65 1.25 -6.10 8.88
C GLU A 65 0.91 -4.98 9.85
N VAL A 66 -0.35 -4.52 9.90
CA VAL A 66 -0.67 -3.38 10.75
C VAL A 66 -1.85 -3.63 11.66
N GLY A 67 -2.37 -4.86 11.66
CA GLY A 67 -3.40 -5.26 12.59
C GLY A 67 -4.74 -4.55 12.45
N ILE A 68 -5.17 -4.26 11.22
CA ILE A 68 -6.51 -3.72 10.99
C ILE A 68 -7.23 -4.64 10.01
N THR A 69 -8.55 -4.66 10.14
CA THR A 69 -9.41 -5.42 9.25
C THR A 69 -10.10 -4.42 8.31
N VAL A 70 -9.76 -4.47 7.03
CA VAL A 70 -10.26 -3.48 6.08
C VAL A 70 -11.77 -3.65 5.94
N THR A 71 -12.51 -2.56 6.16
CA THR A 71 -13.97 -2.59 6.07
C THR A 71 -14.43 -2.31 4.65
N THR A 72 -13.89 -1.26 4.03
CA THR A 72 -14.21 -0.91 2.66
C THR A 72 -12.94 -0.35 2.04
N SER A 73 -12.74 -0.61 0.75
CA SER A 73 -11.61 -0.02 0.04
C SER A 73 -12.06 0.41 -1.35
N SER A 74 -11.22 1.21 -1.99
CA SER A 74 -11.45 1.57 -3.37
C SER A 74 -10.10 1.61 -4.06
N LEU A 75 -10.06 1.20 -5.32
CA LEU A 75 -8.81 1.22 -6.04
C LEU A 75 -8.35 2.66 -6.21
N PHE A 76 -7.12 2.95 -5.82
CA PHE A 76 -6.60 4.30 -5.94
C PHE A 76 -5.80 4.47 -7.23
N ASP A 77 -4.92 3.50 -7.50
CA ASP A 77 -4.15 3.48 -8.73
C ASP A 77 -3.69 2.05 -8.95
N LYS A 78 -3.47 1.69 -10.20
CA LYS A 78 -2.85 0.42 -10.56
C LYS A 78 -1.64 0.75 -11.43
N LEU A 79 -0.46 0.31 -11.02
CA LEU A 79 0.76 0.61 -11.76
C LEU A 79 1.37 -0.69 -12.25
N GLU A 80 1.87 -0.68 -13.48
CA GLU A 80 2.47 -1.86 -14.08
C GLU A 80 3.89 -1.52 -14.47
N TYR A 81 4.86 -2.25 -13.92
CA TYR A 81 6.27 -2.00 -14.17
C TYR A 81 6.85 -3.17 -14.95
N GLN A 82 7.41 -2.88 -16.13
CA GLN A 82 8.13 -3.84 -16.94
C GLN A 82 9.62 -3.68 -16.70
N PHE A 83 10.28 -4.79 -16.37
CA PHE A 83 11.73 -4.86 -16.25
C PHE A 83 12.22 -5.91 -17.25
N PRO A 84 13.53 -5.96 -17.53
CA PRO A 84 14.04 -7.01 -18.44
C PRO A 84 13.75 -8.43 -17.97
N ASP A 85 13.61 -8.64 -16.65
CA ASP A 85 13.52 -9.99 -16.10
C ASP A 85 12.20 -10.29 -15.41
N ARG A 86 11.33 -9.30 -15.25
CA ARG A 86 10.15 -9.47 -14.43
C ARG A 86 9.13 -8.40 -14.77
N HIS A 87 7.86 -8.69 -14.49
CA HIS A 87 6.78 -7.72 -14.62
C HIS A 87 6.06 -7.63 -13.28
N ILE A 88 5.98 -6.42 -12.73
CA ILE A 88 5.39 -6.17 -11.41
C ILE A 88 4.14 -5.32 -11.58
N THR A 89 3.04 -5.75 -10.96
CA THR A 89 1.82 -4.96 -10.89
C THR A 89 1.60 -4.55 -9.44
N LEU A 90 1.38 -3.27 -9.20
CA LEU A 90 1.11 -2.74 -7.87
C LEU A 90 -0.30 -2.18 -7.86
N TRP A 91 -1.17 -2.76 -7.04
CA TRP A 91 -2.52 -2.25 -6.88
C TRP A 91 -2.56 -1.45 -5.57
N PHE A 92 -2.85 -0.15 -5.67
CA PHE A 92 -2.93 0.70 -4.49
C PHE A 92 -4.41 0.91 -4.13
N PHE A 93 -4.78 0.57 -2.91
CA PHE A 93 -6.16 0.71 -2.45
C PHE A 93 -6.24 1.79 -1.41
N LEU A 94 -7.19 2.70 -1.58
CA LEU A 94 -7.54 3.66 -0.54
C LEU A 94 -8.43 2.99 0.49
N VAL A 95 -8.01 3.04 1.75
CA VAL A 95 -8.72 2.41 2.86
C VAL A 95 -9.09 3.51 3.85
N GLU A 96 -10.37 3.87 3.90
CA GLU A 96 -10.81 4.89 4.84
C GLU A 96 -11.80 4.38 5.86
N SER A 97 -12.12 3.09 5.84
CA SER A 97 -12.93 2.44 6.85
C SER A 97 -12.22 1.15 7.25
N TRP A 98 -12.11 0.90 8.55
CA TRP A 98 -11.43 -0.30 9.00
C TRP A 98 -11.81 -0.56 10.45
N GLN A 99 -11.43 -1.74 10.93
CA GLN A 99 -11.56 -2.12 12.32
C GLN A 99 -10.16 -2.27 12.90
N GLY A 100 -9.93 -1.66 14.05
CA GLY A 100 -8.65 -1.75 14.73
C GLY A 100 -7.88 -0.44 14.64
N GLU A 101 -6.73 -0.43 15.32
CA GLU A 101 -5.84 0.73 15.35
C GLU A 101 -4.50 0.35 14.75
N PRO A 102 -4.09 0.93 13.62
CA PRO A 102 -2.85 0.50 12.97
C PRO A 102 -1.64 0.60 13.87
N TRP A 103 -0.79 -0.42 13.83
CA TRP A 103 0.51 -0.38 14.49
C TRP A 103 1.45 -1.30 13.74
N GLY A 104 2.73 -1.20 14.06
CA GLY A 104 3.72 -2.08 13.48
C GLY A 104 3.60 -3.50 13.99
N LYS A 105 2.62 -4.25 13.49
CA LYS A 105 2.34 -5.59 14.00
C LYS A 105 3.48 -6.56 13.69
N GLU A 106 4.27 -6.32 12.66
CA GLU A 106 5.38 -7.19 12.32
C GLU A 106 6.70 -6.75 12.95
N GLY A 107 6.66 -5.83 13.91
CA GLY A 107 7.87 -5.35 14.53
C GLY A 107 8.58 -4.27 13.76
N GLN A 108 7.88 -3.61 12.81
CA GLN A 108 8.35 -2.56 11.92
C GLN A 108 7.75 -1.22 12.32
N PRO A 109 8.47 -0.11 12.09
CA PRO A 109 7.93 1.20 12.45
C PRO A 109 6.68 1.53 11.65
N GLY A 110 5.81 2.33 12.27
CA GLY A 110 4.61 2.81 11.59
C GLY A 110 4.09 4.07 12.25
N ARG A 111 3.66 5.06 11.46
CA ARG A 111 3.13 6.27 12.07
C ARG A 111 2.23 7.01 11.09
N TRP A 112 1.39 7.88 11.65
CA TRP A 112 0.49 8.70 10.85
C TRP A 112 1.26 9.87 10.27
N MET A 113 1.22 10.04 8.96
CA MET A 113 1.85 11.19 8.32
C MET A 113 0.79 12.00 7.57
N ALA A 114 0.84 13.32 7.74
CA ALA A 114 -0.10 14.17 7.03
C ALA A 114 0.08 14.01 5.52
N GLY A 115 -1.02 13.72 4.84
CA GLY A 115 -1.02 13.49 3.40
C GLY A 115 -0.30 14.56 2.61
N PRO A 116 -0.68 15.83 2.79
CA PRO A 116 -0.11 16.91 1.96
C PRO A 116 1.39 17.13 2.12
N THR A 117 2.05 16.38 2.99
CA THR A 117 3.45 16.62 3.30
C THR A 117 4.34 15.43 2.97
N LEU A 118 3.80 14.36 2.37
CA LEU A 118 4.60 13.20 2.02
C LEU A 118 5.68 13.56 1.01
N ASP A 119 6.87 13.00 1.22
CA ASP A 119 8.00 13.22 0.32
C ASP A 119 8.14 12.03 -0.62
N PRO A 120 7.83 12.17 -1.90
CA PRO A 120 8.01 11.03 -2.82
C PRO A 120 9.43 10.47 -2.84
N ALA A 121 10.45 11.29 -2.59
CA ALA A 121 11.80 10.78 -2.53
C ALA A 121 12.05 9.89 -1.31
N ALA A 122 11.20 9.96 -0.29
CA ALA A 122 11.34 9.10 0.88
C ALA A 122 10.75 7.70 0.67
N PHE A 123 10.00 7.49 -0.40
CA PHE A 123 9.45 6.21 -0.77
C PHE A 123 10.25 5.59 -1.91
N PRO A 124 10.19 4.28 -2.08
CA PRO A 124 10.73 3.69 -3.31
C PRO A 124 10.11 4.35 -4.52
N PRO A 125 10.88 4.57 -5.60
CA PRO A 125 10.35 5.33 -6.74
C PRO A 125 9.20 4.65 -7.43
N ALA A 126 8.94 3.37 -7.17
CA ALA A 126 7.76 2.72 -7.74
C ALA A 126 6.48 3.40 -7.26
N ASN A 127 6.49 3.94 -6.05
CA ASN A 127 5.33 4.62 -5.49
C ASN A 127 5.16 6.06 -5.98
N GLU A 128 6.10 6.60 -6.77
CA GLU A 128 6.09 8.02 -7.04
C GLU A 128 4.77 8.55 -7.59
N PRO A 129 4.13 7.91 -8.61
CA PRO A 129 2.87 8.48 -9.11
C PRO A 129 1.77 8.52 -8.07
N VAL A 130 1.78 7.58 -7.12
CA VAL A 130 0.75 7.56 -6.08
C VAL A 130 1.01 8.65 -5.04
N ILE A 131 2.26 8.81 -4.61
CA ILE A 131 2.59 9.88 -3.66
C ILE A 131 2.21 11.23 -4.25
N SER A 132 2.54 11.46 -5.53
CA SER A 132 2.22 12.73 -6.18
C SER A 132 0.73 13.02 -6.11
N LYS A 133 -0.10 12.00 -6.31
CA LYS A 133 -1.55 12.19 -6.30
C LYS A 133 -2.06 12.42 -4.88
N LEU A 134 -1.47 11.74 -3.92
CA LEU A 134 -1.90 11.91 -2.52
C LEU A 134 -1.69 13.35 -2.06
N ILE A 135 -0.58 13.97 -2.50
CA ILE A 135 -0.26 15.31 -2.04
C ILE A 135 -1.30 16.31 -2.53
N ALA A 136 -1.81 16.11 -3.74
CA ALA A 136 -2.89 16.94 -4.24
C ALA A 136 -4.14 16.83 -3.36
N GLN A 137 -4.58 15.60 -3.11
CA GLN A 137 -5.75 15.37 -2.27
C GLN A 137 -5.47 15.66 -0.79
MG MG B . 3.44 -9.04 4.00
#